data_5FG5
#
_entry.id   5FG5
#
_cell.length_a   57.919
_cell.length_b   68.141
_cell.length_c   72.656
_cell.angle_alpha   90.00
_cell.angle_beta   94.33
_cell.angle_gamma   90.00
#
_symmetry.space_group_name_H-M   'I 1 2 1'
#
loop_
_entity.id
_entity.type
_entity.pdbx_description
1 polymer Peregrin
2 non-polymer ~{N}-(1,3-dimethyl-2-oxidanylidene-6-pyrrolidin-1-yl-benzimidazol-5-yl)-2-methoxy-benzamide
3 non-polymer 'NITRATE ION'
4 water water
#
_entity_poly.entity_id   1
_entity_poly.type   'polypeptide(L)'
_entity_poly.pdbx_seq_one_letter_code
;SMEMQLTPFLILLRKTLEQLQEKDTGNIFSEPVPLSEVPDYLDHIKKPMDFFTMKQNLEAYRYLNFDDFEEDFNLIVSNC
LKYNAKDTIFYRAAVRLREQGGAVLRQARRQAEKMG
;
_entity_poly.pdbx_strand_id   A,B
#
loop_
_chem_comp.id
_chem_comp.type
_chem_comp.name
_chem_comp.formula
5XF non-polymer ~{N}-(1,3-dimethyl-2-oxidanylidene-6-pyrrolidin-1-yl-benzimidazol-5-yl)-2-methoxy-benzamide 'C21 H24 N4 O3'
NO3 non-polymer 'NITRATE ION' 'N O3 -1'
#
# COMPACT_ATOMS: atom_id res chain seq x y z
N MET A 2 4.93 -3.38 27.82
CA MET A 2 6.31 -2.82 27.91
C MET A 2 7.20 -3.51 26.88
N GLU A 3 8.48 -3.15 26.94
CA GLU A 3 9.46 -3.60 25.98
C GLU A 3 9.70 -5.10 26.15
N MET A 4 9.72 -5.62 27.38
CA MET A 4 9.90 -7.09 27.47
C MET A 4 8.72 -7.92 26.95
N GLN A 5 7.52 -7.46 27.22
CA GLN A 5 6.29 -8.07 26.72
C GLN A 5 6.24 -8.13 25.18
N LEU A 6 6.87 -7.16 24.53
CA LEU A 6 6.93 -7.03 23.08
C LEU A 6 7.93 -7.96 22.42
N THR A 7 8.72 -8.69 23.21
CA THR A 7 9.78 -9.49 22.60
C THR A 7 9.31 -10.44 21.51
N PRO A 8 8.24 -11.19 21.72
CA PRO A 8 7.81 -12.07 20.63
C PRO A 8 7.39 -11.30 19.37
N PHE A 9 6.71 -10.18 19.57
CA PHE A 9 6.34 -9.34 18.43
C PHE A 9 7.58 -8.86 17.65
N LEU A 10 8.62 -8.44 18.35
CA LEU A 10 9.85 -8.00 17.68
C LEU A 10 10.54 -9.12 16.95
N ILE A 11 10.44 -10.36 17.48
CA ILE A 11 10.95 -11.54 16.80
C ILE A 11 10.21 -11.74 15.47
N LEU A 12 8.88 -11.58 15.52
CA LEU A 12 8.10 -11.67 14.31
C LEU A 12 8.52 -10.57 13.29
N LEU A 13 8.66 -9.33 13.75
CA LEU A 13 9.11 -8.26 12.86
C LEU A 13 10.45 -8.53 12.28
N ARG A 14 11.38 -9.06 13.06
CA ARG A 14 12.73 -9.32 12.55
C ARG A 14 12.69 -10.32 11.40
N LYS A 15 11.92 -11.40 11.56
CA LYS A 15 11.77 -12.40 10.55
C LYS A 15 11.12 -11.75 9.31
N THR A 16 10.04 -11.00 9.54
CA THR A 16 9.32 -10.32 8.43
C THR A 16 10.24 -9.43 7.66
N LEU A 17 11.08 -8.64 8.35
CA LEU A 17 12.00 -7.75 7.68
C LEU A 17 13.00 -8.51 6.82
N GLU A 18 13.49 -9.63 7.34
CA GLU A 18 14.40 -10.46 6.55
C GLU A 18 13.70 -10.93 5.28
N GLN A 19 12.45 -11.35 5.40
CA GLN A 19 11.70 -11.80 4.22
C GLN A 19 11.46 -10.68 3.23
N LEU A 20 11.21 -9.47 3.71
CA LEU A 20 11.07 -8.36 2.82
C LEU A 20 12.33 -8.04 2.12
N GLN A 21 13.44 -7.96 2.86
CA GLN A 21 14.71 -7.61 2.29
C GLN A 21 15.19 -8.59 1.21
N GLU A 22 14.80 -9.84 1.36
CA GLU A 22 15.10 -10.87 0.35
C GLU A 22 14.43 -10.60 -0.96
N LYS A 23 13.36 -9.82 -0.99
CA LYS A 23 12.70 -9.42 -2.22
C LYS A 23 13.45 -8.34 -2.96
N ASP A 24 14.43 -7.71 -2.35
CA ASP A 24 15.25 -6.71 -3.04
C ASP A 24 16.31 -7.39 -3.92
N THR A 25 15.83 -7.97 -5.03
CA THR A 25 16.70 -8.77 -5.86
C THR A 25 17.78 -7.99 -6.58
N GLY A 26 17.56 -6.73 -6.79
CA GLY A 26 18.54 -5.86 -7.40
C GLY A 26 19.48 -5.17 -6.44
N ASN A 27 19.30 -5.36 -5.13
CA ASN A 27 20.12 -4.72 -4.12
C ASN A 27 20.14 -3.23 -4.24
N ILE A 28 18.96 -2.67 -4.42
CA ILE A 28 18.84 -1.20 -4.54
C ILE A 28 18.03 -0.53 -3.46
N PHE A 29 17.44 -1.34 -2.56
CA PHE A 29 16.59 -0.83 -1.49
C PHE A 29 17.12 -1.09 -0.09
N SER A 30 18.40 -1.50 -0.02
CA SER A 30 18.98 -2.05 1.21
C SER A 30 20.02 -1.15 1.85
N GLU A 31 20.19 0.02 1.29
CA GLU A 31 20.92 1.12 1.95
C GLU A 31 20.23 2.41 1.57
N PRO A 32 20.40 3.50 2.31
CA PRO A 32 19.79 4.76 1.91
C PRO A 32 20.14 5.18 0.49
N VAL A 33 19.20 5.77 -0.24
CA VAL A 33 19.55 6.34 -1.52
C VAL A 33 20.74 7.28 -1.29
N PRO A 34 21.84 7.12 -2.06
CA PRO A 34 23.05 7.84 -1.72
C PRO A 34 22.99 9.29 -2.14
N LEU A 35 22.97 10.20 -1.16
CA LEU A 35 22.86 11.63 -1.48
C LEU A 35 24.10 12.18 -2.21
N SER A 36 25.24 11.51 -2.09
CA SER A 36 26.41 11.90 -2.88
C SER A 36 26.16 11.71 -4.39
N GLU A 37 25.31 10.77 -4.77
CA GLU A 37 25.04 10.51 -6.16
C GLU A 37 23.70 11.01 -6.63
N VAL A 38 22.79 11.26 -5.69
CA VAL A 38 21.45 11.76 -5.94
C VAL A 38 21.23 13.01 -5.09
N PRO A 39 21.94 14.11 -5.41
CA PRO A 39 21.98 15.19 -4.40
C PRO A 39 20.65 15.95 -4.27
N ASP A 40 19.75 15.85 -5.24
CA ASP A 40 18.41 16.45 -5.18
C ASP A 40 17.34 15.57 -4.48
N TYR A 41 17.73 14.43 -3.93
CA TYR A 41 16.73 13.46 -3.47
C TYR A 41 15.82 14.02 -2.41
N LEU A 42 16.38 14.74 -1.44
CA LEU A 42 15.56 15.31 -0.35
C LEU A 42 14.75 16.51 -0.77
N ASP A 43 15.07 17.11 -1.90
CA ASP A 43 14.23 18.19 -2.40
C ASP A 43 12.81 17.66 -2.61
N HIS A 44 12.78 16.37 -3.05
CA HIS A 44 11.64 15.66 -3.49
C HIS A 44 10.94 14.72 -2.45
N ILE A 45 11.73 14.12 -1.57
CA ILE A 45 11.31 13.03 -0.71
C ILE A 45 11.50 13.48 0.75
N LYS A 46 10.43 13.55 1.48
CA LYS A 46 10.54 14.05 2.84
C LYS A 46 11.04 13.06 3.86
N LYS A 47 10.83 11.75 3.62
CA LYS A 47 11.22 10.73 4.58
C LYS A 47 11.79 9.52 3.79
N PRO A 48 13.09 9.59 3.51
CA PRO A 48 13.79 8.45 2.91
C PRO A 48 13.64 7.23 3.73
N MET A 49 13.64 6.07 3.06
CA MET A 49 13.59 4.82 3.78
C MET A 49 14.23 3.72 2.96
N ASP A 50 14.78 2.72 3.67
CA ASP A 50 15.49 1.59 3.05
C ASP A 50 15.53 0.45 4.08
N PHE A 51 15.93 -0.75 3.66
CA PHE A 51 15.87 -1.89 4.59
C PHE A 51 16.92 -1.83 5.71
N PHE A 52 18.05 -1.19 5.44
CA PHE A 52 19.05 -1.09 6.53
C PHE A 52 18.51 -0.14 7.61
N THR A 53 17.93 0.97 7.21
CA THR A 53 17.35 1.95 8.14
C THR A 53 16.20 1.31 8.89
N MET A 54 15.40 0.46 8.23
CA MET A 54 14.34 -0.24 8.95
C MET A 54 14.92 -1.18 9.99
N LYS A 55 16.01 -1.89 9.68
CA LYS A 55 16.66 -2.75 10.68
C LYS A 55 17.13 -1.93 11.86
N GLN A 56 17.75 -0.80 11.57
CA GLN A 56 18.19 0.07 12.69
C GLN A 56 17.02 0.51 13.50
N ASN A 57 15.89 0.90 12.86
CA ASN A 57 14.70 1.31 13.57
C ASN A 57 14.10 0.20 14.41
N LEU A 58 14.08 -0.99 13.86
CA LEU A 58 13.56 -2.14 14.59
C LEU A 58 14.35 -2.36 15.90
N GLU A 59 15.68 -2.39 15.77
CA GLU A 59 16.57 -2.67 16.93
C GLU A 59 16.54 -1.52 17.88
N ALA A 60 16.09 -0.36 17.47
CA ALA A 60 15.98 0.80 18.36
C ALA A 60 14.58 1.00 18.92
N TYR A 61 13.71 -0.01 18.83
CA TYR A 61 12.36 0.08 19.38
C TYR A 61 11.44 1.06 18.77
N ARG A 62 11.66 1.42 17.50
CA ARG A 62 10.82 2.36 16.83
C ARG A 62 9.54 1.73 16.25
N TYR A 63 9.50 0.41 16.17
CA TYR A 63 8.28 -0.31 15.71
C TYR A 63 7.64 -1.09 16.86
N LEU A 64 6.61 -0.48 17.43
CA LEU A 64 5.88 -1.02 18.59
C LEU A 64 4.55 -1.62 18.18
N ASN A 65 4.22 -1.55 16.89
CA ASN A 65 3.01 -2.14 16.34
C ASN A 65 3.23 -2.41 14.85
N PHE A 66 2.38 -3.26 14.29
CA PHE A 66 2.60 -3.72 12.93
C PHE A 66 2.42 -2.59 11.93
N ASP A 67 1.45 -1.73 12.16
CA ASP A 67 1.22 -0.64 11.24
C ASP A 67 2.38 0.28 11.03
N ASP A 68 3.10 0.63 12.08
CA ASP A 68 4.23 1.53 11.96
C ASP A 68 5.35 0.90 11.09
N PHE A 69 5.52 -0.41 11.26
CA PHE A 69 6.49 -1.16 10.45
C PHE A 69 6.09 -1.17 8.99
N GLU A 70 4.82 -1.52 8.74
CA GLU A 70 4.29 -1.55 7.37
C GLU A 70 4.41 -0.19 6.72
N GLU A 71 4.13 0.87 7.46
CA GLU A 71 4.23 2.23 6.92
C GLU A 71 5.62 2.51 6.35
N ASP A 72 6.68 2.10 7.06
CA ASP A 72 8.00 2.36 6.59
C ASP A 72 8.36 1.51 5.35
N PHE A 73 7.91 0.26 5.33
CA PHE A 73 8.09 -0.51 4.11
C PHE A 73 7.40 0.18 2.93
N ASN A 74 6.19 0.67 3.17
CA ASN A 74 5.46 1.30 2.07
C ASN A 74 6.18 2.54 1.58
N LEU A 75 6.90 3.26 2.42
CA LEU A 75 7.74 4.38 1.96
C LEU A 75 8.84 4.00 1.05
N ILE A 76 9.44 2.83 1.29
CA ILE A 76 10.54 2.38 0.39
C ILE A 76 9.97 2.35 -1.03
N VAL A 77 8.77 1.80 -1.11
CA VAL A 77 8.08 1.73 -2.44
C VAL A 77 7.62 3.08 -2.95
N SER A 78 6.84 3.80 -2.14
CA SER A 78 6.23 5.00 -2.65
C SER A 78 7.27 6.10 -2.94
N ASN A 79 8.35 6.20 -2.18
CA ASN A 79 9.38 7.18 -2.43
C ASN A 79 9.99 6.91 -3.79
N CYS A 80 10.19 5.61 -4.10
CA CYS A 80 10.80 5.27 -5.36
C CYS A 80 9.90 5.55 -6.57
N LEU A 81 8.63 5.25 -6.41
CA LEU A 81 7.65 5.58 -7.46
C LEU A 81 7.55 7.07 -7.65
N LYS A 82 7.66 7.84 -6.57
CA LYS A 82 7.54 9.28 -6.67
C LYS A 82 8.75 9.91 -7.34
N TYR A 83 9.95 9.48 -6.95
CA TYR A 83 11.16 10.18 -7.44
C TYR A 83 11.47 9.85 -8.89
N ASN A 84 11.22 8.59 -9.26
CA ASN A 84 11.71 8.09 -10.56
C ASN A 84 10.64 8.10 -11.64
N ALA A 85 11.04 8.33 -12.87
CA ALA A 85 10.11 8.18 -13.99
C ALA A 85 9.66 6.76 -14.18
N LYS A 86 8.51 6.56 -14.80
CA LYS A 86 7.95 5.19 -14.96
C LYS A 86 8.88 4.31 -15.72
N ASP A 87 9.50 4.82 -16.77
CA ASP A 87 10.36 3.96 -17.64
C ASP A 87 11.80 3.96 -17.12
N THR A 88 11.95 3.44 -15.91
CA THR A 88 13.25 3.33 -15.23
C THR A 88 13.32 1.98 -14.56
N ILE A 89 14.57 1.54 -14.33
CA ILE A 89 14.76 0.34 -13.59
C ILE A 89 14.19 0.48 -12.13
N PHE A 90 14.30 1.70 -11.57
CA PHE A 90 13.83 1.93 -10.25
C PHE A 90 12.33 1.75 -10.13
N TYR A 91 11.60 2.39 -11.03
CA TYR A 91 10.14 2.34 -10.91
C TYR A 91 9.65 0.89 -11.06
N ARG A 92 10.16 0.19 -12.06
CA ARG A 92 9.77 -1.20 -12.25
C ARG A 92 10.13 -2.08 -11.06
N ALA A 93 11.32 -1.86 -10.49
CA ALA A 93 11.71 -2.57 -9.32
C ALA A 93 10.84 -2.30 -8.07
N ALA A 94 10.38 -1.06 -7.92
CA ALA A 94 9.48 -0.70 -6.83
C ALA A 94 8.13 -1.37 -6.98
N VAL A 95 7.64 -1.49 -8.25
CA VAL A 95 6.38 -2.22 -8.47
C VAL A 95 6.52 -3.68 -8.10
N ARG A 96 7.64 -4.30 -8.51
CA ARG A 96 7.89 -5.70 -8.10
C ARG A 96 7.95 -5.85 -6.58
N LEU A 97 8.61 -4.90 -5.93
CA LEU A 97 8.74 -4.95 -4.46
C LEU A 97 7.38 -4.79 -3.79
N ARG A 98 6.56 -3.87 -4.31
CA ARG A 98 5.19 -3.66 -3.78
C ARG A 98 4.40 -4.96 -3.81
N GLU A 99 4.47 -5.65 -4.93
CA GLU A 99 3.71 -6.91 -5.06
C GLU A 99 4.26 -8.00 -4.15
N GLN A 100 5.56 -8.21 -4.23
CA GLN A 100 6.13 -9.36 -3.49
C GLN A 100 6.21 -9.09 -2.01
N GLY A 101 6.54 -7.85 -1.66
CA GLY A 101 6.58 -7.49 -0.26
C GLY A 101 5.20 -7.44 0.32
N GLY A 102 4.21 -7.04 -0.43
CA GLY A 102 2.87 -7.07 0.06
C GLY A 102 2.37 -8.44 0.45
N ALA A 103 2.75 -9.46 -0.34
CA ALA A 103 2.39 -10.85 0.03
C ALA A 103 3.06 -11.25 1.38
N VAL A 104 4.30 -10.84 1.56
CA VAL A 104 5.00 -11.14 2.83
C VAL A 104 4.25 -10.51 4.00
N LEU A 105 3.87 -9.24 3.83
CA LEU A 105 3.22 -8.53 4.91
C LEU A 105 1.85 -9.08 5.23
N ARG A 106 1.10 -9.49 4.21
CA ARG A 106 -0.21 -10.08 4.49
CA ARG A 106 -0.21 -10.11 4.39
C ARG A 106 -0.09 -11.32 5.36
N GLN A 107 0.87 -12.21 5.06
CA GLN A 107 1.04 -13.35 5.89
C GLN A 107 1.54 -13.00 7.29
N ALA A 108 2.49 -12.08 7.37
CA ALA A 108 3.02 -11.71 8.66
C ALA A 108 1.98 -11.03 9.56
N ARG A 109 1.11 -10.21 8.98
CA ARG A 109 0.06 -9.56 9.75
C ARG A 109 -0.86 -10.61 10.38
N ARG A 110 -1.15 -11.69 9.64
CA ARG A 110 -1.98 -12.77 10.19
C ARG A 110 -1.33 -13.43 11.36
N GLN A 111 -0.01 -13.57 11.29
CA GLN A 111 0.67 -14.16 12.42
C GLN A 111 0.73 -13.22 13.59
N ALA A 112 0.83 -11.91 13.37
CA ALA A 112 0.84 -10.93 14.44
C ALA A 112 -0.51 -10.89 15.12
N GLU A 113 -1.58 -11.12 14.37
CA GLU A 113 -2.93 -11.11 14.96
C GLU A 113 -3.11 -12.27 15.93
N LYS A 114 -2.46 -13.40 15.67
CA LYS A 114 -2.40 -14.51 16.65
C LYS A 114 -1.76 -14.14 17.99
N MET A 115 -0.90 -13.11 18.03
CA MET A 115 -0.40 -12.51 19.29
C MET A 115 -1.41 -11.48 19.80
N GLN B 5 -17.40 -11.33 14.16
CA GLN B 5 -18.79 -11.71 13.75
C GLN B 5 -19.19 -10.99 12.48
N LEU B 6 -19.95 -11.67 11.63
CA LEU B 6 -20.26 -11.15 10.34
C LEU B 6 -21.05 -9.83 10.28
N THR B 7 -22.12 -9.68 11.08
CA THR B 7 -22.91 -8.50 11.00
C THR B 7 -22.14 -7.23 11.43
N PRO B 8 -21.45 -7.30 12.60
CA PRO B 8 -20.63 -6.14 12.95
C PRO B 8 -19.56 -5.84 11.89
N PHE B 9 -19.00 -6.89 11.33
CA PHE B 9 -17.95 -6.69 10.32
C PHE B 9 -18.51 -5.97 9.09
N LEU B 10 -19.68 -6.34 8.58
CA LEU B 10 -20.27 -5.67 7.45
C LEU B 10 -20.65 -4.23 7.75
N ILE B 11 -21.09 -3.97 9.00
CA ILE B 11 -21.39 -2.63 9.40
C ILE B 11 -20.10 -1.78 9.34
N LEU B 12 -19.02 -2.33 9.86
CA LEU B 12 -17.73 -1.66 9.79
C LEU B 12 -17.31 -1.41 8.34
N LEU B 13 -17.42 -2.44 7.50
CA LEU B 13 -17.01 -2.26 6.11
C LEU B 13 -17.81 -1.24 5.38
N ARG B 14 -19.12 -1.17 5.66
CA ARG B 14 -19.91 -0.14 5.03
C ARG B 14 -19.46 1.25 5.37
N LYS B 15 -19.16 1.50 6.64
CA LYS B 15 -18.64 2.79 7.08
C LYS B 15 -17.28 3.07 6.42
N THR B 16 -16.43 2.03 6.42
CA THR B 16 -15.10 2.20 5.90
C THR B 16 -15.14 2.55 4.41
N LEU B 17 -16.00 1.86 3.67
CA LEU B 17 -16.16 2.16 2.25
C LEU B 17 -16.66 3.59 2.02
N GLU B 18 -17.63 4.03 2.83
CA GLU B 18 -18.07 5.41 2.74
C GLU B 18 -16.96 6.40 3.01
N GLN B 19 -16.11 6.12 3.99
CA GLN B 19 -15.02 6.97 4.31
C GLN B 19 -13.98 7.02 3.20
N LEU B 20 -13.73 5.88 2.57
CA LEU B 20 -12.80 5.86 1.41
C LEU B 20 -13.35 6.67 0.27
N GLN B 21 -14.63 6.50 -0.04
CA GLN B 21 -15.25 7.20 -1.15
C GLN B 21 -15.31 8.71 -0.90
N GLU B 22 -15.43 9.13 0.36
CA GLU B 22 -15.29 10.54 0.71
C GLU B 22 -13.97 11.18 0.33
N LYS B 23 -12.89 10.39 0.32
CA LYS B 23 -11.59 10.89 -0.09
C LYS B 23 -11.47 11.11 -1.60
N ASP B 24 -12.37 10.53 -2.35
CA ASP B 24 -12.38 10.68 -3.80
C ASP B 24 -13.08 12.00 -4.13
N THR B 25 -12.40 13.11 -3.86
CA THR B 25 -13.06 14.42 -4.02
C THR B 25 -13.24 14.77 -5.48
N GLY B 26 -12.51 14.13 -6.40
CA GLY B 26 -12.75 14.33 -7.84
C GLY B 26 -13.84 13.45 -8.41
N ASN B 27 -14.40 12.52 -7.64
CA ASN B 27 -15.39 11.59 -8.14
C ASN B 27 -14.89 10.85 -9.36
N ILE B 28 -13.66 10.37 -9.29
CA ILE B 28 -13.18 9.66 -10.46
C ILE B 28 -12.98 8.18 -10.19
N PHE B 29 -13.22 7.73 -8.96
CA PHE B 29 -13.07 6.32 -8.61
C PHE B 29 -14.36 5.66 -8.21
N SER B 30 -15.48 6.34 -8.46
CA SER B 30 -16.78 5.92 -7.94
CA SER B 30 -16.74 5.86 -7.93
C SER B 30 -17.65 5.17 -8.94
N GLU B 31 -17.16 4.98 -10.14
CA GLU B 31 -17.75 4.09 -11.10
C GLU B 31 -16.62 3.43 -11.87
N PRO B 32 -16.90 2.34 -12.58
CA PRO B 32 -15.84 1.71 -13.38
C PRO B 32 -15.27 2.70 -14.41
N VAL B 33 -13.94 2.63 -14.60
CA VAL B 33 -13.32 3.36 -15.70
C VAL B 33 -14.15 3.07 -16.98
N PRO B 34 -14.65 4.10 -17.67
CA PRO B 34 -15.54 3.89 -18.84
C PRO B 34 -14.79 3.45 -20.08
N LEU B 35 -15.03 2.20 -20.53
CA LEU B 35 -14.27 1.67 -21.67
C LEU B 35 -14.60 2.43 -22.93
N SER B 36 -15.80 2.98 -23.03
CA SER B 36 -16.18 3.77 -24.17
C SER B 36 -15.33 5.05 -24.27
N GLU B 37 -14.75 5.53 -23.16
CA GLU B 37 -13.85 6.67 -23.18
C GLU B 37 -12.35 6.30 -23.10
N VAL B 38 -12.06 5.10 -22.62
CA VAL B 38 -10.69 4.60 -22.45
C VAL B 38 -10.60 3.22 -23.08
N PRO B 39 -10.72 3.18 -24.42
CA PRO B 39 -10.95 1.86 -25.02
C PRO B 39 -9.76 0.90 -24.99
N ASP B 40 -8.54 1.35 -24.69
CA ASP B 40 -7.41 0.42 -24.52
C ASP B 40 -7.19 -0.01 -23.05
N TYR B 41 -8.15 0.27 -22.18
CA TYR B 41 -7.92 0.02 -20.75
C TYR B 41 -7.65 -1.43 -20.45
N LEU B 42 -8.38 -2.35 -21.09
CA LEU B 42 -8.22 -3.77 -20.83
C LEU B 42 -7.03 -4.39 -21.55
N ASP B 43 -6.30 -3.61 -22.35
CA ASP B 43 -5.03 -4.10 -22.88
C ASP B 43 -4.01 -4.13 -21.80
N HIS B 44 -4.27 -3.34 -20.74
CA HIS B 44 -3.31 -3.05 -19.70
C HIS B 44 -3.68 -3.59 -18.32
N ILE B 45 -4.96 -3.63 -18.02
CA ILE B 45 -5.48 -3.83 -16.66
C ILE B 45 -6.24 -5.16 -16.61
N LYS B 46 -5.80 -6.11 -15.79
CA LYS B 46 -6.49 -7.39 -15.68
C LYS B 46 -7.73 -7.39 -14.83
N LYS B 47 -7.81 -6.54 -13.81
CA LYS B 47 -8.95 -6.53 -12.91
C LYS B 47 -9.31 -5.09 -12.55
N PRO B 48 -10.14 -4.47 -13.37
CA PRO B 48 -10.67 -3.14 -13.05
C PRO B 48 -11.35 -3.13 -11.68
N MET B 49 -11.27 -2.03 -10.95
CA MET B 49 -11.97 -1.89 -9.68
C MET B 49 -12.37 -0.45 -9.45
N ASP B 50 -13.47 -0.23 -8.71
CA ASP B 50 -13.94 1.09 -8.40
C ASP B 50 -14.82 1.00 -7.17
N PHE B 51 -15.24 2.10 -6.56
CA PHE B 51 -16.04 2.04 -5.34
C PHE B 51 -17.44 1.53 -5.53
N PHE B 52 -18.04 1.70 -6.71
CA PHE B 52 -19.39 1.13 -6.90
C PHE B 52 -19.31 -0.37 -6.91
N THR B 53 -18.36 -0.92 -7.62
CA THR B 53 -18.12 -2.39 -7.67
C THR B 53 -17.81 -2.90 -6.29
N MET B 54 -17.01 -2.19 -5.50
CA MET B 54 -16.77 -2.63 -4.14
C MET B 54 -18.04 -2.66 -3.31
N LYS B 55 -18.90 -1.67 -3.49
CA LYS B 55 -20.18 -1.66 -2.76
C LYS B 55 -21.05 -2.84 -3.20
N GLN B 56 -21.08 -3.18 -4.47
CA GLN B 56 -21.81 -4.37 -4.91
C GLN B 56 -21.23 -5.61 -4.28
N ASN B 57 -19.92 -5.72 -4.23
CA ASN B 57 -19.25 -6.89 -3.67
C ASN B 57 -19.56 -7.02 -2.19
N LEU B 58 -19.52 -5.90 -1.48
CA LEU B 58 -19.81 -5.89 -0.08
C LEU B 58 -21.22 -6.40 0.19
N GLU B 59 -22.18 -5.87 -0.55
CA GLU B 59 -23.58 -6.31 -0.39
C GLU B 59 -23.87 -7.74 -0.91
N ALA B 60 -23.01 -8.30 -1.75
CA ALA B 60 -23.11 -9.70 -2.15
C ALA B 60 -22.29 -10.64 -1.26
N TYR B 61 -21.82 -10.18 -0.09
CA TYR B 61 -21.02 -11.02 0.83
C TYR B 61 -19.73 -11.55 0.30
N ARG B 62 -19.09 -10.80 -0.57
CA ARG B 62 -17.85 -11.23 -1.13
C ARG B 62 -16.66 -10.78 -0.30
N TYR B 63 -16.88 -9.91 0.71
CA TYR B 63 -15.84 -9.49 1.63
C TYR B 63 -16.22 -9.97 3.03
N LEU B 64 -15.66 -11.09 3.38
CA LEU B 64 -15.86 -11.71 4.69
C LEU B 64 -14.58 -11.65 5.52
N ASN B 65 -13.55 -10.96 5.04
CA ASN B 65 -12.36 -10.69 5.86
C ASN B 65 -11.79 -9.36 5.36
N PHE B 66 -11.00 -8.72 6.20
CA PHE B 66 -10.53 -7.36 5.91
C PHE B 66 -9.50 -7.34 4.74
N ASP B 67 -8.64 -8.36 4.64
CA ASP B 67 -7.67 -8.39 3.55
C ASP B 67 -8.27 -8.40 2.19
N ASP B 68 -9.37 -9.10 2.01
CA ASP B 68 -10.00 -9.15 0.68
C ASP B 68 -10.55 -7.75 0.30
N PHE B 69 -11.09 -7.07 1.29
CA PHE B 69 -11.57 -5.70 1.05
C PHE B 69 -10.45 -4.74 0.72
N GLU B 70 -9.36 -4.78 1.50
CA GLU B 70 -8.22 -3.88 1.27
C GLU B 70 -7.56 -4.21 -0.09
N GLU B 71 -7.55 -5.48 -0.51
CA GLU B 71 -6.95 -5.82 -1.80
C GLU B 71 -7.69 -5.09 -2.92
N ASP B 72 -9.01 -5.01 -2.87
CA ASP B 72 -9.76 -4.32 -3.91
C ASP B 72 -9.53 -2.83 -3.85
N PHE B 73 -9.44 -2.23 -2.68
CA PHE B 73 -9.09 -0.81 -2.62
C PHE B 73 -7.76 -0.55 -3.24
N ASN B 74 -6.80 -1.41 -2.95
CA ASN B 74 -5.44 -1.23 -3.48
C ASN B 74 -5.45 -1.36 -4.99
N LEU B 75 -6.32 -2.16 -5.58
CA LEU B 75 -6.45 -2.26 -7.04
C LEU B 75 -6.91 -0.97 -7.63
N ILE B 76 -7.87 -0.29 -7.02
CA ILE B 76 -8.32 1.04 -7.49
C ILE B 76 -7.09 1.91 -7.71
N VAL B 77 -6.22 1.97 -6.71
CA VAL B 77 -5.05 2.81 -6.78
C VAL B 77 -4.04 2.27 -7.77
N SER B 78 -3.65 1.01 -7.64
CA SER B 78 -2.58 0.47 -8.48
CA SER B 78 -2.60 0.48 -8.48
C SER B 78 -2.95 0.44 -9.95
N ASN B 79 -4.19 0.12 -10.27
CA ASN B 79 -4.62 0.16 -11.68
C ASN B 79 -4.44 1.54 -12.26
N CYS B 80 -4.78 2.56 -11.47
CA CYS B 80 -4.72 3.95 -11.92
C CYS B 80 -3.26 4.37 -12.11
N LEU B 81 -2.38 4.00 -11.22
CA LEU B 81 -0.97 4.33 -11.37
C LEU B 81 -0.38 3.58 -12.56
N LYS B 82 -0.83 2.36 -12.81
CA LYS B 82 -0.30 1.56 -13.91
C LYS B 82 -0.72 2.15 -15.25
N TYR B 83 -2.00 2.50 -15.39
CA TYR B 83 -2.50 2.88 -16.71
C TYR B 83 -2.06 4.26 -17.10
N ASN B 84 -2.04 5.21 -16.17
CA ASN B 84 -1.90 6.60 -16.49
C ASN B 84 -0.47 7.05 -16.40
N ALA B 85 -0.09 8.01 -17.26
CA ALA B 85 1.15 8.70 -17.09
C ALA B 85 1.19 9.49 -15.80
N LYS B 86 2.38 9.73 -15.26
CA LYS B 86 2.52 10.47 -14.00
C LYS B 86 1.92 11.85 -14.05
N ASP B 87 2.08 12.54 -15.18
CA ASP B 87 1.62 13.94 -15.26
C ASP B 87 0.19 13.93 -15.82
N THR B 88 -0.72 13.41 -15.01
CA THR B 88 -2.13 13.38 -15.33
C THR B 88 -2.92 13.63 -14.06
N ILE B 89 -4.15 14.09 -14.25
CA ILE B 89 -5.07 14.24 -13.14
C ILE B 89 -5.36 12.91 -12.44
N PHE B 90 -5.40 11.85 -13.21
CA PHE B 90 -5.74 10.53 -12.67
C PHE B 90 -4.62 10.01 -11.77
N TYR B 91 -3.39 10.05 -12.28
CA TYR B 91 -2.23 9.60 -11.48
C TYR B 91 -2.13 10.39 -10.19
N ARG B 92 -2.24 11.72 -10.25
CA ARG B 92 -2.15 12.52 -9.05
C ARG B 92 -3.27 12.17 -8.06
N ALA B 93 -4.47 11.96 -8.56
CA ALA B 93 -5.60 11.62 -7.69
C ALA B 93 -5.39 10.27 -7.02
N ALA B 94 -4.82 9.30 -7.74
CA ALA B 94 -4.53 7.97 -7.16
C ALA B 94 -3.48 8.06 -6.05
N VAL B 95 -2.46 8.89 -6.24
CA VAL B 95 -1.42 9.10 -5.21
C VAL B 95 -2.08 9.65 -3.95
N ARG B 96 -2.94 10.68 -4.11
CA ARG B 96 -3.60 11.24 -2.93
C ARG B 96 -4.56 10.25 -2.27
N LEU B 97 -5.25 9.45 -3.05
CA LEU B 97 -6.15 8.43 -2.53
C LEU B 97 -5.37 7.36 -1.74
N ARG B 98 -4.22 6.97 -2.27
CA ARG B 98 -3.36 6.01 -1.60
C ARG B 98 -3.02 6.51 -0.21
N GLU B 99 -2.62 7.78 -0.12
CA GLU B 99 -2.22 8.41 1.15
CA GLU B 99 -2.21 8.30 1.20
C GLU B 99 -3.42 8.43 2.12
N GLN B 100 -4.47 9.06 1.65
CA GLN B 100 -5.59 9.35 2.53
C GLN B 100 -6.40 8.14 2.82
N GLY B 101 -6.59 7.29 1.84
CA GLY B 101 -7.34 6.03 2.03
C GLY B 101 -6.54 5.05 2.86
N GLY B 102 -5.21 5.03 2.74
CA GLY B 102 -4.39 4.16 3.63
C GLY B 102 -4.63 4.52 5.09
N ALA B 103 -4.78 5.80 5.38
CA ALA B 103 -5.04 6.21 6.75
C ALA B 103 -6.44 5.71 7.29
N VAL B 104 -7.44 5.75 6.44
CA VAL B 104 -8.77 5.24 6.74
C VAL B 104 -8.69 3.76 7.04
N LEU B 105 -7.96 3.01 6.22
CA LEU B 105 -7.83 1.58 6.40
C LEU B 105 -7.10 1.21 7.66
N ARG B 106 -6.05 1.94 8.01
CA ARG B 106 -5.33 1.69 9.27
C ARG B 106 -6.29 1.81 10.43
N GLN B 107 -7.08 2.87 10.42
CA GLN B 107 -8.07 3.08 11.51
C GLN B 107 -9.11 1.96 11.50
N ALA B 108 -9.63 1.58 10.34
CA ALA B 108 -10.64 0.54 10.28
C ALA B 108 -10.15 -0.83 10.70
N ARG B 109 -8.94 -1.20 10.28
CA ARG B 109 -8.43 -2.52 10.64
C ARG B 109 -8.26 -2.65 12.13
N ARG B 110 -7.86 -1.59 12.82
CA ARG B 110 -7.81 -1.60 14.29
C ARG B 110 -9.17 -1.94 14.90
N GLN B 111 -10.29 -1.54 14.28
CA GLN B 111 -11.61 -1.98 14.74
C GLN B 111 -11.91 -3.42 14.41
N ALA B 112 -11.57 -3.88 13.21
CA ALA B 112 -11.87 -5.23 12.82
C ALA B 112 -11.10 -6.25 13.70
CAO 5XF C . 21.41 2.14 -3.60
CAP 5XF C . 22.59 1.16 -3.59
CAQ 5XF C . 22.75 0.83 -5.01
CAR 5XF C . 21.89 1.73 -5.83
NAN 5XF C . 21.43 2.77 -4.92
CAA 5XF C . 20.50 3.67 -5.39
CAB 5XF C . 19.14 3.46 -5.03
CAC 5XF C . 18.17 4.32 -5.49
NAH 5XF C . 16.82 4.32 -5.31
CAL 5XF C . 15.99 3.35 -4.57
CAI 5XF C . 16.33 5.36 -5.98
OAK 5XF C . 15.14 5.65 -6.04
NAJ 5XF C . 17.32 6.01 -6.57
CAM 5XF C . 17.19 7.18 -7.42
CAD 5XF C . 18.49 5.37 -6.30
CAE 5XF C . 19.77 5.61 -6.66
CAF 5XF C . 20.83 4.77 -6.22
NAG 5XF C . 22.20 4.86 -6.50
CAS 5XF C . 22.75 5.65 -7.46
OAU 5XF C . 22.10 6.43 -8.14
CAT 5XF C . 24.19 5.53 -7.70
CAV 5XF C . 24.72 6.23 -8.79
CAW 5XF C . 26.09 6.16 -9.11
CAX 5XF C . 26.91 5.40 -8.34
CAY 5XF C . 26.45 4.65 -7.26
CAZ 5XF C . 25.07 4.71 -6.93
OBA 5XF C . 24.57 4.01 -5.86
CBB 5XF C . 25.44 3.36 -4.91
N NO3 D . -15.81 -6.52 13.62
O1 NO3 D . -15.17 -7.02 12.71
O2 NO3 D . -15.79 -7.12 14.88
O3 NO3 D . -16.52 -5.34 13.41
CAO 5XF E . -15.02 8.00 -14.02
CAP 5XF E . -16.20 8.92 -13.75
CAQ 5XF E . -15.62 10.29 -14.01
CAR 5XF E . -14.30 10.14 -14.70
NAN 5XF E . -14.09 8.69 -14.90
CAA 5XF E . -12.88 8.23 -15.35
CAB 5XF E . -12.01 7.61 -14.42
CAC 5XF E . -10.79 7.18 -14.79
NAH 5XF E . -9.78 6.56 -14.07
CAL 5XF E . -9.79 6.20 -12.61
CAI 5XF E . -8.77 6.35 -14.88
OAK 5XF E . -7.70 5.78 -14.61
NAJ 5XF E . -9.09 6.79 -16.12
CAM 5XF E . -8.19 6.74 -17.25
CAD 5XF E . -10.33 7.32 -16.06
CAE 5XF E . -11.12 7.93 -17.01
CAF 5XF E . -12.41 8.38 -16.67
NAG 5XF E . -13.33 9.00 -17.51
CAS 5XF E . -13.07 9.54 -18.73
OAU 5XF E . -11.94 9.61 -19.24
CAT 5XF E . -14.18 10.22 -19.37
CAV 5XF E . -13.86 10.93 -20.54
CAW 5XF E . -14.81 11.67 -21.26
CAX 5XF E . -16.10 11.72 -20.82
CAY 5XF E . -16.49 11.03 -19.66
CAZ 5XF E . -15.53 10.29 -18.93
OBA 5XF E . -15.91 9.62 -17.79
CBB 5XF E . -17.28 9.34 -17.45
#